data_8DUH
#
_entry.id   8DUH
#
_cell.length_a   102.720
_cell.length_b   57.283
_cell.length_c   87.524
_cell.angle_alpha   90.000
_cell.angle_beta   103.490
_cell.angle_gamma   90.000
#
_symmetry.space_group_name_H-M   'C 1 2 1'
#
loop_
_entity.id
_entity.type
_entity.pdbx_description
1 polymer 'Estrogen receptor'
2 non-polymer "[(1'R)-6'-hydroxy-1'-(4-{2-[(2R)-2-methylpyrrolidin-1-yl]ethoxy}phenyl)-1',4'-dihydro-2'H-spiro[cyclopropane-1,3'-isoquinolin]-2'-yl](phenyl)methanone"
3 water water
#
_entity_poly.entity_id   1
_entity_poly.type   'polypeptide(L)'
_entity_poly.pdbx_seq_one_letter_code
;MSKKNSLALSLTADQMVSALLDAEPPILYSEYDPTRPFSEASMMGLLTNLADRELVHMINWAKRVPGFVDLTLHDQVHLL
ESAWLEILMIGLVWRSMEHPGKLLFAPNLLLDRNQGKSVEGMVEIFDMLLATSSRFRMMNLQGEEFVCLKSIILLNSGVY
TFLSSTLKSLEEKDHIHRVLDKITDTLIHLMAKAGLTLQQQHQRLAQLLLILSHIRHMSNKGMEHLYSMKSKNVVPSYDL
LLEMLDAHRLHAPTS
;
_entity_poly.pdbx_strand_id   A,B
#
loop_
_chem_comp.id
_chem_comp.type
_chem_comp.name
_chem_comp.formula
TVL non-polymer [(1'R)-6'-hydroxy-1'-(4-{2-[(2R)-2-methylpyrrolidin-1-yl]ethoxy}phenyl)-1',4'-dihydro-2'H-spiro[cyclopropane-1,3'-isoquinolin]-2'-yl](phenyl)methanone 'C31 H34 N2 O3'
#
# COMPACT_ATOMS: atom_id res chain seq x y z
N SER A 10 -21.61 0.87 -16.68
CA SER A 10 -22.09 0.56 -18.03
C SER A 10 -20.98 0.74 -19.05
N LEU A 11 -20.00 1.57 -18.68
CA LEU A 11 -18.86 1.83 -19.54
C LEU A 11 -18.15 0.54 -19.92
N THR A 12 -17.59 0.53 -21.13
CA THR A 12 -16.69 -0.55 -21.48
C THR A 12 -15.28 -0.20 -21.00
N ALA A 13 -14.40 -1.19 -21.09
CA ALA A 13 -12.99 -0.95 -20.79
C ALA A 13 -12.44 0.19 -21.63
N ASP A 14 -12.71 0.18 -22.94
CA ASP A 14 -12.23 1.25 -23.80
C ASP A 14 -12.87 2.58 -23.41
N GLN A 15 -14.16 2.56 -23.11
CA GLN A 15 -14.83 3.76 -22.62
C GLN A 15 -14.25 4.23 -21.30
N MET A 16 -13.91 3.29 -20.39
CA MET A 16 -13.32 3.71 -19.13
C MET A 16 -11.95 4.37 -19.35
N VAL A 17 -11.14 3.79 -20.25
CA VAL A 17 -9.83 4.38 -20.56
C VAL A 17 -9.99 5.79 -21.12
N SER A 18 -10.95 5.97 -22.04
CA SER A 18 -11.15 7.28 -22.66
C SER A 18 -11.53 8.31 -21.62
N ALA A 19 -12.47 7.96 -20.73
CA ALA A 19 -12.89 8.91 -19.71
C ALA A 19 -11.72 9.32 -18.84
N LEU A 20 -10.89 8.35 -18.46
CA LEU A 20 -9.80 8.65 -17.56
C LEU A 20 -8.72 9.46 -18.25
N LEU A 21 -8.46 9.19 -19.54
CA LEU A 21 -7.48 9.98 -20.27
C LEU A 21 -7.98 11.41 -20.48
N ASP A 22 -9.25 11.59 -20.87
CA ASP A 22 -9.78 12.94 -20.99
C ASP A 22 -9.87 13.69 -19.65
N ALA A 23 -9.94 12.98 -18.53
CA ALA A 23 -10.02 13.63 -17.23
C ALA A 23 -8.67 14.12 -16.72
N GLU A 24 -7.60 13.80 -17.40
CA GLU A 24 -6.27 14.00 -16.84
C GLU A 24 -5.98 15.48 -16.65
N PRO A 25 -5.50 15.90 -15.48
CA PRO A 25 -5.23 17.32 -15.26
C PRO A 25 -4.00 17.75 -16.03
N PRO A 26 -3.84 19.05 -16.28
CA PRO A 26 -2.66 19.53 -16.99
C PRO A 26 -1.41 19.51 -16.12
N ILE A 27 -0.27 19.53 -16.80
CA ILE A 27 1.01 19.70 -16.13
C ILE A 27 1.24 21.18 -15.86
N LEU A 28 1.46 21.52 -14.58
CA LEU A 28 1.56 22.92 -14.16
C LEU A 28 3.03 23.34 -14.02
N TYR A 29 3.25 24.65 -14.04
CA TYR A 29 4.58 25.22 -14.04
C TYR A 29 4.85 25.93 -12.72
N SER A 30 6.13 26.07 -12.42
CA SER A 30 6.58 26.99 -11.38
C SER A 30 6.73 28.38 -11.99
N GLU A 31 6.93 29.39 -11.14
CA GLU A 31 7.11 30.77 -11.62
C GLU A 31 8.36 30.91 -12.49
N TYR A 32 8.24 31.67 -13.58
CA TYR A 32 9.38 32.02 -14.44
C TYR A 32 9.88 33.42 -14.10
N ASP A 33 11.20 33.57 -14.04
CA ASP A 33 11.85 34.87 -13.89
C ASP A 33 13.33 34.69 -14.16
N PRO A 34 13.81 35.05 -15.36
CA PRO A 34 15.23 34.78 -15.68
C PRO A 34 16.18 35.60 -14.84
N THR A 35 15.71 36.65 -14.15
CA THR A 35 16.51 37.41 -13.21
C THR A 35 16.63 36.73 -11.85
N ARG A 36 15.83 35.70 -11.58
CA ARG A 36 15.84 35.00 -10.30
C ARG A 36 16.46 33.62 -10.46
N PRO A 37 17.76 33.47 -10.19
CA PRO A 37 18.35 32.12 -10.21
C PRO A 37 17.68 31.23 -9.17
N PHE A 38 17.76 29.91 -9.40
CA PHE A 38 17.17 28.98 -8.47
C PHE A 38 17.94 29.04 -7.14
N SER A 39 17.21 29.04 -6.04
CA SER A 39 17.87 28.97 -4.74
C SER A 39 17.14 27.92 -3.89
N GLU A 40 17.93 27.19 -3.12
CA GLU A 40 17.32 26.17 -2.29
C GLU A 40 16.52 26.78 -1.14
N ALA A 41 16.81 28.02 -0.73
CA ALA A 41 15.99 28.67 0.29
C ALA A 41 14.54 28.89 -0.17
N SER A 42 14.31 29.09 -1.46
CA SER A 42 12.94 29.33 -1.94
C SER A 42 12.23 28.07 -2.43
N MET A 43 12.93 26.95 -2.48
CA MET A 43 12.41 25.71 -3.07
C MET A 43 11.11 25.26 -2.41
N MET A 44 11.04 25.30 -1.07
CA MET A 44 9.84 24.79 -0.42
C MET A 44 8.63 25.69 -0.69
N GLY A 45 8.85 27.00 -0.73
CA GLY A 45 7.77 27.88 -1.11
C GLY A 45 7.25 27.58 -2.51
N LEU A 46 8.16 27.29 -3.45
CA LEU A 46 7.74 26.99 -4.80
C LEU A 46 6.95 25.69 -4.85
N LEU A 47 7.40 24.69 -4.10
CA LEU A 47 6.73 23.40 -4.16
C LEU A 47 5.36 23.48 -3.50
N THR A 48 5.25 24.22 -2.41
CA THR A 48 3.95 24.42 -1.76
C THR A 48 2.98 25.13 -2.69
N ASN A 49 3.44 26.20 -3.35
CA ASN A 49 2.61 26.91 -4.32
C ASN A 49 2.16 26.00 -5.44
N LEU A 50 3.07 25.17 -5.95
CA LEU A 50 2.74 24.25 -7.03
C LEU A 50 1.70 23.22 -6.57
N ALA A 51 1.95 22.58 -5.42
CA ALA A 51 1.01 21.58 -4.92
C ALA A 51 -0.38 22.18 -4.67
N ASP A 52 -0.44 23.40 -4.12
CA ASP A 52 -1.74 24.02 -3.86
C ASP A 52 -2.50 24.24 -5.17
N ARG A 53 -1.80 24.62 -6.23
CA ARG A 53 -2.47 24.81 -7.52
C ARG A 53 -2.88 23.47 -8.09
N GLU A 54 -2.05 22.45 -7.90
CA GLU A 54 -2.36 21.12 -8.40
C GLU A 54 -3.58 20.55 -7.71
N LEU A 55 -3.73 20.81 -6.42
CA LEU A 55 -4.88 20.25 -5.70
C LEU A 55 -6.20 20.68 -6.34
N VAL A 56 -6.27 21.92 -6.82
CA VAL A 56 -7.50 22.41 -7.43
C VAL A 56 -7.87 21.56 -8.65
N HIS A 57 -6.89 21.32 -9.52
CA HIS A 57 -7.11 20.46 -10.67
C HIS A 57 -7.34 19.02 -10.25
N MET A 58 -6.78 18.61 -9.11
CA MET A 58 -7.01 17.24 -8.67
C MET A 58 -8.48 17.04 -8.32
N ILE A 59 -9.11 18.06 -7.72
CA ILE A 59 -10.53 17.95 -7.36
C ILE A 59 -11.36 17.76 -8.61
N ASN A 60 -11.07 18.53 -9.65
CA ASN A 60 -11.92 18.46 -10.82
C ASN A 60 -11.65 17.21 -11.63
N TRP A 61 -10.43 16.66 -11.53
CA TRP A 61 -10.17 15.33 -12.10
C TRP A 61 -10.98 14.26 -11.39
N ALA A 62 -10.93 14.24 -10.04
CA ALA A 62 -11.63 13.21 -9.29
C ALA A 62 -13.11 13.17 -9.67
N LYS A 63 -13.76 14.35 -9.76
CA LYS A 63 -15.17 14.38 -10.13
C LYS A 63 -15.45 13.80 -11.51
N ARG A 64 -14.42 13.58 -12.33
CA ARG A 64 -14.59 12.95 -13.63
C ARG A 64 -14.18 11.48 -13.63
N VAL A 65 -13.72 10.95 -12.50
CA VAL A 65 -13.42 9.52 -12.44
C VAL A 65 -14.77 8.80 -12.33
N PRO A 66 -15.11 7.93 -13.26
CA PRO A 66 -16.48 7.39 -13.30
C PRO A 66 -16.85 6.77 -11.96
N GLY A 67 -18.04 7.13 -11.47
CA GLY A 67 -18.56 6.63 -10.23
C GLY A 67 -18.25 7.47 -9.01
N PHE A 68 -17.24 8.32 -9.11
CA PHE A 68 -16.82 9.14 -7.96
C PHE A 68 -17.93 10.07 -7.48
N VAL A 69 -18.63 10.75 -8.40
CA VAL A 69 -19.67 11.74 -7.98
C VAL A 69 -21.01 11.09 -7.58
N ASP A 70 -21.12 9.76 -7.71
CA ASP A 70 -22.29 8.99 -7.23
C ASP A 70 -22.23 8.89 -5.72
N LEU A 71 -21.05 9.02 -5.12
CA LEU A 71 -20.94 8.96 -3.65
C LEU A 71 -21.51 10.24 -3.02
N THR A 72 -21.76 10.22 -1.73
CA THR A 72 -22.11 11.43 -0.98
C THR A 72 -20.92 12.37 -0.93
N LEU A 73 -21.19 13.66 -0.72
CA LEU A 73 -20.11 14.62 -0.65
C LEU A 73 -19.19 14.31 0.52
N HIS A 74 -19.77 13.91 1.65
CA HIS A 74 -18.95 13.56 2.81
C HIS A 74 -17.93 12.48 2.46
N ASP A 75 -18.36 11.46 1.71
CA ASP A 75 -17.43 10.39 1.39
C ASP A 75 -16.49 10.77 0.27
N GLN A 76 -16.89 11.64 -0.65
CA GLN A 76 -15.93 12.20 -1.61
C GLN A 76 -14.80 12.93 -0.89
N VAL A 77 -15.14 13.71 0.16
CA VAL A 77 -14.12 14.43 0.92
C VAL A 77 -13.20 13.46 1.63
N HIS A 78 -13.76 12.49 2.35
CA HIS A 78 -12.96 11.50 3.06
C HIS A 78 -12.00 10.78 2.10
N LEU A 79 -12.46 10.42 0.90
CA LEU A 79 -11.55 9.75 -0.03
C LEU A 79 -10.42 10.68 -0.47
N LEU A 80 -10.74 11.95 -0.72
CA LEU A 80 -9.69 12.91 -1.15
C LEU A 80 -8.74 13.20 0.02
N GLU A 81 -9.29 13.32 1.22
CA GLU A 81 -8.44 13.52 2.41
C GLU A 81 -7.42 12.39 2.52
N SER A 82 -7.86 11.16 2.32
CA SER A 82 -6.99 9.98 2.44
C SER A 82 -6.00 9.83 1.27
N ALA A 83 -6.32 10.32 0.09
CA ALA A 83 -5.49 10.03 -1.10
C ALA A 83 -4.74 11.23 -1.71
N TRP A 84 -5.01 12.45 -1.31
CA TRP A 84 -4.50 13.60 -2.07
C TRP A 84 -2.97 13.58 -2.21
N LEU A 85 -2.24 13.21 -1.15
CA LEU A 85 -0.79 13.26 -1.22
C LEU A 85 -0.25 12.14 -2.09
N GLU A 86 -0.83 10.94 -1.98
CA GLU A 86 -0.49 9.82 -2.85
C GLU A 86 -0.68 10.17 -4.31
N ILE A 87 -1.77 10.87 -4.63
CA ILE A 87 -2.05 11.28 -6.01
C ILE A 87 -1.01 12.29 -6.51
N LEU A 88 -0.64 13.26 -5.67
CA LEU A 88 0.42 14.20 -6.07
C LEU A 88 1.73 13.44 -6.31
N MET A 89 1.99 12.43 -5.50
CA MET A 89 3.25 11.71 -5.52
C MET A 89 3.32 10.84 -6.76
N ILE A 90 2.23 10.13 -7.09
CA ILE A 90 2.27 9.28 -8.28
C ILE A 90 2.35 10.15 -9.54
N GLY A 91 1.64 11.28 -9.56
CA GLY A 91 1.80 12.23 -10.66
C GLY A 91 3.24 12.68 -10.82
N LEU A 92 3.90 13.07 -9.72
CA LEU A 92 5.31 13.41 -9.77
C LEU A 92 6.13 12.27 -10.35
N VAL A 93 5.90 11.05 -9.86
CA VAL A 93 6.69 9.90 -10.29
C VAL A 93 6.51 9.68 -11.78
N TRP A 94 5.26 9.77 -12.26
CA TRP A 94 4.96 9.63 -13.68
C TRP A 94 5.69 10.68 -14.51
N ARG A 95 5.59 11.96 -14.12
CA ARG A 95 6.25 13.04 -14.86
C ARG A 95 7.76 12.87 -14.93
N SER A 96 8.33 12.23 -13.92
CA SER A 96 9.77 12.05 -13.79
C SER A 96 10.26 10.78 -14.47
N MET A 97 9.35 9.94 -14.97
CA MET A 97 9.74 8.59 -15.39
C MET A 97 10.81 8.63 -16.49
N GLU A 98 10.72 9.56 -17.42
CA GLU A 98 11.65 9.65 -18.54
C GLU A 98 12.91 10.45 -18.21
N HIS A 99 13.14 10.78 -16.94
CA HIS A 99 14.26 11.63 -16.53
C HIS A 99 15.01 10.95 -15.40
N PRO A 100 15.88 9.99 -15.72
CA PRO A 100 16.58 9.23 -14.68
C PRO A 100 17.37 10.14 -13.74
N GLY A 101 17.30 9.83 -12.44
CA GLY A 101 17.96 10.60 -11.42
C GLY A 101 17.30 11.92 -11.07
N LYS A 102 16.16 12.26 -11.66
CA LYS A 102 15.62 13.57 -11.40
C LYS A 102 14.14 13.47 -11.07
N LEU A 103 13.64 14.46 -10.33
CA LEU A 103 12.20 14.60 -10.11
C LEU A 103 11.70 15.84 -10.82
N LEU A 104 10.79 15.63 -11.76
CA LEU A 104 10.22 16.71 -12.57
C LEU A 104 8.98 17.25 -11.86
N PHE A 105 9.22 18.09 -10.84
CA PHE A 105 8.10 18.74 -10.14
C PHE A 105 7.29 19.58 -11.12
N ALA A 106 7.96 20.37 -11.95
CA ALA A 106 7.38 21.11 -13.05
C ALA A 106 8.38 21.05 -14.19
N PRO A 107 7.96 21.32 -15.43
CA PRO A 107 8.93 21.29 -16.53
C PRO A 107 10.05 22.27 -16.33
N ASN A 108 9.84 23.33 -15.56
CA ASN A 108 10.89 24.27 -15.23
C ASN A 108 11.32 24.17 -13.78
N LEU A 109 11.08 23.01 -13.14
CA LEU A 109 11.47 22.75 -11.75
C LEU A 109 11.88 21.27 -11.66
N LEU A 110 13.08 20.97 -12.13
CA LEU A 110 13.58 19.62 -12.30
C LEU A 110 14.77 19.47 -11.37
N LEU A 111 14.65 18.66 -10.32
CA LEU A 111 15.63 18.62 -9.24
C LEU A 111 16.33 17.26 -9.17
N ASP A 112 17.60 17.26 -8.75
CA ASP A 112 18.32 16.01 -8.44
C ASP A 112 18.47 15.88 -6.93
N ARG A 113 19.01 14.74 -6.47
CA ARG A 113 18.96 14.47 -5.03
C ARG A 113 19.90 15.37 -4.23
N ASN A 114 20.96 15.87 -4.84
CA ASN A 114 21.82 16.82 -4.15
C ASN A 114 21.08 18.12 -3.84
N GLN A 115 20.03 18.43 -4.58
CA GLN A 115 19.23 19.60 -4.25
C GLN A 115 18.16 19.28 -3.21
N GLY A 116 17.98 18.01 -2.87
CA GLY A 116 17.07 17.58 -1.83
C GLY A 116 17.69 17.31 -0.48
N LYS A 117 18.93 17.75 -0.23
CA LYS A 117 19.60 17.53 1.04
C LYS A 117 19.51 18.74 1.96
N SER A 118 18.93 19.84 1.49
CA SER A 118 18.96 21.07 2.27
C SER A 118 18.08 20.99 3.51
N VAL A 119 17.03 20.16 3.47
CA VAL A 119 16.06 20.05 4.54
C VAL A 119 16.13 18.65 5.14
N GLU A 120 16.05 18.57 6.46
CA GLU A 120 16.11 17.28 7.14
C GLU A 120 14.98 16.35 6.69
N GLY A 121 15.31 15.07 6.49
CA GLY A 121 14.34 14.09 6.04
C GLY A 121 13.87 14.23 4.60
N MET A 122 14.27 15.28 3.91
CA MET A 122 13.81 15.44 2.54
C MET A 122 14.48 14.44 1.60
N VAL A 123 15.78 14.16 1.79
CA VAL A 123 16.43 13.32 0.80
C VAL A 123 15.89 11.89 0.87
N GLU A 124 15.45 11.46 2.04
CA GLU A 124 14.91 10.08 2.16
C GLU A 124 13.66 9.94 1.28
N ILE A 125 12.78 10.91 1.31
CA ILE A 125 11.55 10.81 0.52
C ILE A 125 11.87 10.92 -0.96
N PHE A 126 12.81 11.82 -1.25
CA PHE A 126 13.39 12.02 -2.60
C PHE A 126 13.98 10.68 -3.03
N ASP A 127 14.76 10.00 -2.16
CA ASP A 127 15.26 8.70 -2.62
C ASP A 127 14.11 7.75 -2.97
N MET A 128 13.00 7.78 -2.23
CA MET A 128 11.93 6.84 -2.51
C MET A 128 11.21 7.18 -3.81
N LEU A 129 11.03 8.49 -4.07
CA LEU A 129 10.36 8.92 -5.28
C LEU A 129 11.16 8.53 -6.51
N LEU A 130 12.49 8.69 -6.43
CA LEU A 130 13.37 8.27 -7.52
C LEU A 130 13.31 6.76 -7.75
N ALA A 131 13.24 5.98 -6.68
CA ALA A 131 13.17 4.53 -6.85
C ALA A 131 11.86 4.10 -7.49
N THR A 132 10.75 4.78 -7.18
CA THR A 132 9.47 4.46 -7.82
C THR A 132 9.49 4.83 -9.30
N SER A 133 10.03 6.00 -9.63
CA SER A 133 10.27 6.36 -11.01
C SER A 133 11.13 5.33 -11.73
N SER A 134 12.19 4.84 -11.07
CA SER A 134 13.01 3.82 -11.72
C SER A 134 12.21 2.54 -11.96
N ARG A 135 11.34 2.17 -11.00
CA ARG A 135 10.48 1.00 -11.14
C ARG A 135 9.50 1.16 -12.30
N PHE A 136 8.91 2.35 -12.45
CA PHE A 136 8.02 2.63 -13.58
C PHE A 136 8.72 2.37 -14.91
N ARG A 137 9.98 2.82 -15.04
CA ARG A 137 10.76 2.55 -16.26
C ARG A 137 11.03 1.07 -16.45
N MET A 138 11.42 0.37 -15.38
CA MET A 138 11.72 -1.05 -15.50
C MET A 138 10.49 -1.84 -15.95
N MET A 139 9.29 -1.33 -15.66
CA MET A 139 8.05 -1.96 -16.12
C MET A 139 7.55 -1.42 -17.44
N ASN A 140 8.15 -0.35 -17.95
CA ASN A 140 7.62 0.37 -19.11
C ASN A 140 6.14 0.70 -18.89
N LEU A 141 5.84 1.27 -17.73
CA LEU A 141 4.48 1.68 -17.41
C LEU A 141 3.89 2.56 -18.50
N GLN A 142 2.71 2.18 -18.97
CA GLN A 142 2.03 2.89 -20.05
C GLN A 142 1.06 3.91 -19.48
N GLY A 143 0.78 4.95 -20.27
CA GLY A 143 -0.05 6.05 -19.77
C GLY A 143 -1.46 5.59 -19.41
N GLU A 144 -2.00 4.69 -20.21
CA GLU A 144 -3.33 4.10 -19.96
C GLU A 144 -3.30 3.35 -18.61
N GLU A 145 -2.20 2.68 -18.30
CA GLU A 145 -2.11 1.98 -17.02
C GLU A 145 -2.01 2.97 -15.86
N PHE A 146 -1.25 4.05 -16.06
CA PHE A 146 -1.07 5.08 -15.04
C PHE A 146 -2.40 5.68 -14.57
N VAL A 147 -3.26 6.07 -15.51
CA VAL A 147 -4.49 6.74 -15.08
C VAL A 147 -5.40 5.75 -14.35
N CYS A 148 -5.31 4.45 -14.67
CA CYS A 148 -6.07 3.46 -13.92
C CYS A 148 -5.56 3.37 -12.49
N LEU A 149 -4.24 3.32 -12.34
CA LEU A 149 -3.62 3.25 -11.02
C LEU A 149 -3.97 4.46 -10.19
N LYS A 150 -3.93 5.66 -10.79
CA LYS A 150 -4.31 6.86 -10.05
C LYS A 150 -5.75 6.81 -9.57
N SER A 151 -6.65 6.32 -10.42
CA SER A 151 -8.05 6.16 -10.02
C SER A 151 -8.19 5.14 -8.89
N ILE A 152 -7.44 4.06 -8.93
CA ILE A 152 -7.52 3.08 -7.85
C ILE A 152 -7.11 3.72 -6.52
N ILE A 153 -6.06 4.55 -6.55
CA ILE A 153 -5.63 5.23 -5.34
C ILE A 153 -6.74 6.10 -4.78
N LEU A 154 -7.47 6.79 -5.67
CA LEU A 154 -8.53 7.68 -5.23
C LEU A 154 -9.66 6.90 -4.58
N LEU A 155 -10.05 5.78 -5.18
CA LEU A 155 -11.15 5.05 -4.60
C LEU A 155 -10.72 4.13 -3.46
N ASN A 156 -9.48 3.62 -3.48
CA ASN A 156 -9.10 2.61 -2.51
C ASN A 156 -8.53 3.15 -1.21
N SER A 157 -7.81 4.27 -1.25
CA SER A 157 -7.00 4.68 -0.09
C SER A 157 -7.87 4.94 1.13
N GLY A 158 -9.06 5.50 0.95
CA GLY A 158 -9.87 5.88 2.09
C GLY A 158 -11.00 4.94 2.45
N VAL A 159 -11.19 3.86 1.70
CA VAL A 159 -12.39 3.04 1.81
C VAL A 159 -12.39 2.16 3.07
N TYR A 160 -11.23 1.86 3.63
CA TYR A 160 -11.17 1.06 4.86
C TYR A 160 -11.20 1.93 6.11
N THR A 161 -11.40 3.24 5.98
CA THR A 161 -11.43 4.12 7.15
C THR A 161 -12.66 5.02 7.19
N PHE A 162 -13.81 4.53 6.69
CA PHE A 162 -15.03 5.35 6.69
C PHE A 162 -15.67 5.56 8.07
N THR A 166 -23.18 2.08 8.98
CA THR A 166 -24.56 2.52 8.70
C THR A 166 -24.96 1.96 7.34
N LEU A 167 -26.27 1.95 7.04
CA LEU A 167 -26.72 1.36 5.79
C LEU A 167 -26.19 2.14 4.59
N LYS A 168 -26.18 3.47 4.67
CA LYS A 168 -25.61 4.28 3.59
C LYS A 168 -24.14 3.95 3.38
N SER A 169 -23.36 3.79 4.45
CA SER A 169 -21.95 3.46 4.29
C SER A 169 -21.76 2.14 3.57
N LEU A 170 -22.54 1.12 3.93
CA LEU A 170 -22.41 -0.18 3.25
C LEU A 170 -22.69 -0.03 1.76
N GLU A 171 -23.70 0.76 1.40
CA GLU A 171 -24.02 0.97 -0.01
C GLU A 171 -22.89 1.71 -0.73
N GLU A 172 -22.22 2.64 -0.06
CA GLU A 172 -21.21 3.33 -0.84
C GLU A 172 -19.94 2.50 -0.96
N LYS A 173 -19.58 1.76 0.09
CA LYS A 173 -18.44 0.84 -0.02
C LYS A 173 -18.69 -0.21 -1.10
N ASP A 174 -19.92 -0.71 -1.20
CA ASP A 174 -20.25 -1.63 -2.28
C ASP A 174 -20.04 -0.97 -3.64
N HIS A 175 -20.49 0.27 -3.79
CA HIS A 175 -20.30 1.01 -5.04
C HIS A 175 -18.81 1.16 -5.35
N ILE A 176 -18.03 1.54 -4.35
CA ILE A 176 -16.60 1.77 -4.57
C ILE A 176 -15.91 0.49 -5.06
N HIS A 177 -16.25 -0.64 -4.45
CA HIS A 177 -15.65 -1.90 -4.89
C HIS A 177 -16.11 -2.30 -6.28
N ARG A 178 -17.33 -1.91 -6.67
CA ARG A 178 -17.78 -2.19 -8.03
C ARG A 178 -17.02 -1.33 -9.04
N VAL A 179 -16.71 -0.08 -8.69
CA VAL A 179 -15.91 0.74 -9.61
C VAL A 179 -14.49 0.23 -9.67
N LEU A 180 -13.93 -0.15 -8.51
CA LEU A 180 -12.58 -0.74 -8.49
C LEU A 180 -12.53 -2.00 -9.32
N ASP A 181 -13.58 -2.84 -9.26
CA ASP A 181 -13.63 -4.04 -10.10
C ASP A 181 -13.61 -3.68 -11.59
N LYS A 182 -14.34 -2.64 -12.00
CA LYS A 182 -14.30 -2.22 -13.40
C LYS A 182 -12.92 -1.72 -13.81
N ILE A 183 -12.22 -1.00 -12.93
CA ILE A 183 -10.87 -0.56 -13.30
C ILE A 183 -9.95 -1.76 -13.44
N THR A 184 -10.15 -2.79 -12.62
CA THR A 184 -9.36 -4.02 -12.77
C THR A 184 -9.62 -4.66 -14.14
N ASP A 185 -10.89 -4.81 -14.51
CA ASP A 185 -11.24 -5.28 -15.86
C ASP A 185 -10.52 -4.47 -16.94
N THR A 186 -10.46 -3.15 -16.76
CA THR A 186 -9.82 -2.26 -17.74
C THR A 186 -8.33 -2.50 -17.83
N LEU A 187 -7.65 -2.58 -16.68
CA LEU A 187 -6.23 -2.92 -16.67
C LEU A 187 -5.97 -4.23 -17.42
N ILE A 188 -6.74 -5.26 -17.12
CA ILE A 188 -6.55 -6.53 -17.78
C ILE A 188 -6.78 -6.38 -19.28
N HIS A 189 -7.84 -5.70 -19.67
CA HIS A 189 -8.14 -5.46 -21.08
C HIS A 189 -6.96 -4.80 -21.79
N LEU A 190 -6.41 -3.73 -21.22
CA LEU A 190 -5.26 -3.06 -21.80
C LEU A 190 -4.07 -4.01 -21.97
N MET A 191 -3.91 -4.93 -21.01
CA MET A 191 -2.80 -5.88 -21.07
C MET A 191 -3.05 -6.96 -22.12
N ALA A 192 -4.29 -7.42 -22.25
CA ALA A 192 -4.61 -8.38 -23.31
C ALA A 192 -4.44 -7.74 -24.69
N LYS A 193 -4.97 -6.52 -24.86
CA LYS A 193 -4.82 -5.81 -26.13
C LYS A 193 -3.36 -5.64 -26.51
N ALA A 194 -2.48 -5.44 -25.53
CA ALA A 194 -1.04 -5.32 -25.79
C ALA A 194 -0.39 -6.65 -26.13
N GLY A 195 -1.13 -7.76 -26.13
CA GLY A 195 -0.59 -9.05 -26.53
C GLY A 195 0.02 -9.90 -25.44
N LEU A 196 -0.20 -9.58 -24.17
CA LEU A 196 0.31 -10.42 -23.08
C LEU A 196 -0.53 -11.68 -22.92
N THR A 197 0.13 -12.82 -22.64
CA THR A 197 -0.60 -14.00 -22.17
C THR A 197 -1.34 -13.68 -20.87
N LEU A 198 -2.29 -14.56 -20.50
CA LEU A 198 -2.94 -14.37 -19.19
C LEU A 198 -1.98 -14.49 -18.03
N GLN A 199 -0.99 -15.38 -18.11
CA GLN A 199 -0.02 -15.45 -17.04
C GLN A 199 0.68 -14.11 -16.87
N GLN A 200 1.11 -13.52 -17.98
CA GLN A 200 1.74 -12.21 -17.93
C GLN A 200 0.75 -11.13 -17.51
N GLN A 201 -0.52 -11.28 -17.85
CA GLN A 201 -1.53 -10.29 -17.46
C GLN A 201 -1.73 -10.30 -15.95
N HIS A 202 -1.92 -11.48 -15.36
CA HIS A 202 -2.06 -11.59 -13.93
C HIS A 202 -0.81 -11.11 -13.22
N GLN A 203 0.35 -11.55 -13.70
CA GLN A 203 1.60 -11.16 -13.07
C GLN A 203 1.79 -9.64 -13.12
N ARG A 204 1.46 -9.00 -14.25
CA ARG A 204 1.64 -7.55 -14.38
C ARG A 204 0.64 -6.77 -13.54
N LEU A 205 -0.63 -7.19 -13.56
CA LEU A 205 -1.62 -6.62 -12.66
C LEU A 205 -1.09 -6.63 -11.23
N ALA A 206 -0.56 -7.78 -10.77
CA ALA A 206 -0.07 -7.87 -9.40
C ALA A 206 1.10 -6.92 -9.17
N GLN A 207 2.04 -6.86 -10.12
CA GLN A 207 3.19 -5.99 -9.98
C GLN A 207 2.78 -4.53 -9.88
N LEU A 208 1.77 -4.13 -10.65
CA LEU A 208 1.29 -2.76 -10.61
C LEU A 208 0.63 -2.46 -9.27
N LEU A 209 -0.26 -3.34 -8.82
CA LEU A 209 -0.97 -3.08 -7.57
C LEU A 209 -0.04 -3.14 -6.37
N LEU A 210 1.05 -3.88 -6.46
CA LEU A 210 1.99 -3.93 -5.35
C LEU A 210 2.81 -2.64 -5.26
N ILE A 211 2.99 -1.93 -6.37
CA ILE A 211 3.62 -0.62 -6.31
C ILE A 211 2.75 0.37 -5.55
N LEU A 212 1.43 0.14 -5.48
CA LEU A 212 0.57 1.06 -4.73
C LEU A 212 0.85 1.00 -3.23
N SER A 213 1.26 -0.17 -2.72
N SER A 213 1.29 -0.16 -2.72
CA SER A 213 1.67 -0.26 -1.32
CA SER A 213 1.66 -0.25 -1.31
C SER A 213 2.86 0.66 -1.05
C SER A 213 2.90 0.58 -1.01
N HIS A 214 3.82 0.70 -1.98
CA HIS A 214 4.98 1.56 -1.77
C HIS A 214 4.60 3.03 -1.87
N ILE A 215 3.69 3.35 -2.78
CA ILE A 215 3.18 4.71 -2.88
C ILE A 215 2.45 5.11 -1.59
N ARG A 216 1.68 4.19 -1.00
CA ARG A 216 1.09 4.50 0.30
C ARG A 216 2.15 4.73 1.37
N HIS A 217 3.19 3.90 1.38
CA HIS A 217 4.30 4.06 2.32
C HIS A 217 4.96 5.43 2.15
N MET A 218 5.20 5.84 0.92
CA MET A 218 5.79 7.15 0.65
C MET A 218 4.89 8.28 1.12
N SER A 219 3.59 8.17 0.83
CA SER A 219 2.64 9.16 1.31
C SER A 219 2.69 9.32 2.82
N ASN A 220 2.69 8.20 3.55
CA ASN A 220 2.79 8.26 5.01
C ASN A 220 4.05 9.00 5.42
N LYS A 221 5.19 8.60 4.88
CA LYS A 221 6.45 9.20 5.30
C LYS A 221 6.48 10.67 4.88
N GLY A 222 5.87 11.00 3.75
CA GLY A 222 5.81 12.38 3.29
C GLY A 222 4.92 13.25 4.16
N MET A 223 3.74 12.73 4.55
CA MET A 223 2.95 13.38 5.59
C MET A 223 3.78 13.71 6.82
N GLU A 224 4.52 12.72 7.36
CA GLU A 224 5.31 12.97 8.55
C GLU A 224 6.29 14.11 8.33
N HIS A 225 6.93 14.13 7.15
CA HIS A 225 7.89 15.19 6.80
C HIS A 225 7.20 16.55 6.67
N LEU A 226 5.98 16.57 6.12
CA LEU A 226 5.25 17.83 6.00
C LEU A 226 4.88 18.38 7.38
N TYR A 227 4.36 17.52 8.26
CA TYR A 227 4.07 17.95 9.63
C TYR A 227 5.33 18.33 10.38
N SER A 228 6.46 17.68 10.07
CA SER A 228 7.73 18.03 10.70
C SER A 228 8.19 19.44 10.37
N MET A 229 7.75 20.03 9.22
CA MET A 229 8.19 21.42 9.01
C MET A 229 7.17 22.40 9.58
N LYS A 230 5.88 22.09 9.50
CA LYS A 230 4.80 22.95 10.08
C LYS A 230 4.91 24.41 9.63
N VAL A 234 -0.89 22.32 6.33
CA VAL A 234 -0.30 21.06 5.87
C VAL A 234 -1.32 20.17 5.17
N VAL A 235 -2.44 19.93 5.85
CA VAL A 235 -3.60 19.21 5.33
C VAL A 235 -4.62 20.16 4.72
N PRO A 236 -5.24 19.82 3.59
CA PRO A 236 -6.43 20.53 3.13
C PRO A 236 -7.61 20.20 4.04
N SER A 237 -8.23 21.23 4.59
CA SER A 237 -9.35 21.01 5.50
C SER A 237 -10.53 20.37 4.79
N TYR A 238 -11.45 19.83 5.59
CA TYR A 238 -12.70 19.31 5.07
C TYR A 238 -13.48 20.41 4.33
N ASP A 239 -13.56 21.59 4.94
CA ASP A 239 -14.35 22.66 4.32
C ASP A 239 -13.70 23.17 3.05
N LEU A 240 -12.37 23.17 2.99
CA LEU A 240 -11.68 23.48 1.75
C LEU A 240 -12.02 22.44 0.69
N LEU A 241 -11.81 21.16 1.02
CA LEU A 241 -12.11 20.10 0.06
C LEU A 241 -13.59 20.10 -0.32
N LEU A 242 -14.48 20.32 0.66
CA LEU A 242 -15.92 20.36 0.36
C LEU A 242 -16.26 21.51 -0.58
N GLU A 243 -15.78 22.72 -0.25
CA GLU A 243 -15.99 23.87 -1.12
C GLU A 243 -15.51 23.59 -2.54
N MET A 244 -14.33 22.99 -2.67
CA MET A 244 -13.85 22.69 -4.01
C MET A 244 -14.73 21.65 -4.67
N LEU A 245 -15.09 20.62 -3.91
CA LEU A 245 -15.89 19.52 -4.44
C LEU A 245 -17.34 19.97 -4.64
N LEU B 9 11.88 -22.45 -6.91
CA LEU B 9 10.94 -21.86 -7.86
C LEU B 9 10.35 -22.91 -8.79
N SER B 10 10.75 -24.17 -8.59
CA SER B 10 10.27 -25.28 -9.39
C SER B 10 8.98 -25.89 -8.84
N LEU B 11 8.55 -25.45 -7.67
CA LEU B 11 7.36 -26.01 -7.05
C LEU B 11 6.13 -25.78 -7.93
N THR B 12 5.19 -26.71 -7.88
CA THR B 12 3.88 -26.44 -8.43
C THR B 12 3.10 -25.52 -7.49
N ALA B 13 1.98 -24.99 -7.99
CA ALA B 13 1.11 -24.16 -7.15
C ALA B 13 0.59 -24.94 -5.95
N ASP B 14 0.22 -26.21 -6.16
CA ASP B 14 -0.20 -27.03 -5.03
C ASP B 14 0.94 -27.24 -4.04
N GLN B 15 2.14 -27.50 -4.56
CA GLN B 15 3.29 -27.68 -3.67
C GLN B 15 3.62 -26.38 -2.93
N MET B 16 3.45 -25.23 -3.58
CA MET B 16 3.65 -23.94 -2.93
C MET B 16 2.66 -23.73 -1.78
N VAL B 17 1.36 -23.91 -2.05
CA VAL B 17 0.33 -23.78 -1.03
C VAL B 17 0.66 -24.70 0.15
N SER B 18 1.00 -25.97 -0.15
CA SER B 18 1.28 -26.93 0.90
C SER B 18 2.50 -26.51 1.71
N ALA B 19 3.53 -26.00 1.04
CA ALA B 19 4.70 -25.52 1.75
C ALA B 19 4.32 -24.41 2.72
N LEU B 20 3.51 -23.47 2.26
CA LEU B 20 3.17 -22.30 3.07
C LEU B 20 2.27 -22.68 4.23
N LEU B 21 1.29 -23.56 3.97
CA LEU B 21 0.43 -24.04 5.06
C LEU B 21 1.26 -24.73 6.13
N ASP B 22 2.24 -25.52 5.71
CA ASP B 22 3.08 -26.25 6.65
C ASP B 22 3.98 -25.32 7.47
N ALA B 23 4.36 -24.17 6.92
CA ALA B 23 5.28 -23.24 7.58
C ALA B 23 4.61 -22.30 8.56
N GLU B 24 3.27 -22.36 8.70
CA GLU B 24 2.55 -21.40 9.52
C GLU B 24 3.07 -21.42 10.96
N PRO B 25 3.27 -20.26 11.57
CA PRO B 25 3.83 -20.22 12.93
C PRO B 25 2.77 -20.62 13.94
N PRO B 26 3.15 -20.93 15.18
CA PRO B 26 2.16 -21.31 16.19
C PRO B 26 1.46 -20.08 16.74
N ILE B 27 0.29 -20.32 17.31
CA ILE B 27 -0.40 -19.28 18.05
C ILE B 27 0.16 -19.28 19.47
N LEU B 28 0.73 -18.15 19.87
CA LEU B 28 1.31 -17.99 21.19
C LEU B 28 0.28 -17.44 22.17
N TYR B 29 0.54 -17.65 23.44
CA TYR B 29 -0.34 -17.20 24.51
C TYR B 29 0.26 -16.00 25.19
N SER B 30 -0.59 -15.19 25.80
CA SER B 30 -0.13 -14.07 26.62
C SER B 30 0.49 -14.57 27.92
N GLU B 31 1.44 -13.80 28.43
CA GLU B 31 2.10 -14.08 29.71
C GLU B 31 1.14 -14.40 30.85
N SER B 39 -5.21 -4.54 33.70
CA SER B 39 -5.20 -3.07 33.69
C SER B 39 -4.61 -2.50 32.41
N GLU B 40 -4.78 -1.19 32.21
CA GLU B 40 -4.19 -0.52 31.05
C GLU B 40 -2.68 -0.69 31.02
N ALA B 41 -2.03 -0.44 32.16
CA ALA B 41 -0.58 -0.59 32.26
C ALA B 41 -0.14 -2.00 31.87
N SER B 42 -0.75 -3.01 32.50
CA SER B 42 -0.40 -4.38 32.16
C SER B 42 -0.71 -4.70 30.70
N MET B 43 -1.75 -4.07 30.14
CA MET B 43 -2.14 -4.35 28.76
C MET B 43 -1.01 -4.06 27.78
N MET B 44 -0.35 -2.90 27.92
CA MET B 44 0.71 -2.58 26.96
C MET B 44 1.90 -3.52 27.13
N GLY B 45 2.25 -3.87 28.37
CA GLY B 45 3.36 -4.80 28.59
C GLY B 45 3.09 -6.19 28.03
N LEU B 46 1.87 -6.70 28.21
CA LEU B 46 1.53 -8.00 27.64
C LEU B 46 1.64 -7.96 26.12
N LEU B 47 1.18 -6.87 25.50
CA LEU B 47 1.19 -6.79 24.04
C LEU B 47 2.62 -6.74 23.50
N THR B 48 3.50 -5.99 24.17
CA THR B 48 4.91 -5.91 23.75
C THR B 48 5.61 -7.26 23.91
N ASN B 49 5.41 -7.91 25.06
CA ASN B 49 6.02 -9.21 25.28
C ASN B 49 5.53 -10.24 24.28
N LEU B 50 4.23 -10.24 23.96
CA LEU B 50 3.70 -11.16 22.96
C LEU B 50 4.37 -10.93 21.60
N ALA B 51 4.39 -9.68 21.13
CA ALA B 51 5.02 -9.36 19.86
C ALA B 51 6.48 -9.82 19.83
N ASP B 52 7.21 -9.59 20.93
CA ASP B 52 8.61 -9.98 20.99
C ASP B 52 8.76 -11.49 20.82
N ARG B 53 7.87 -12.28 21.42
CA ARG B 53 7.99 -13.73 21.28
C ARG B 53 7.52 -14.20 19.91
N GLU B 54 6.53 -13.54 19.32
CA GLU B 54 6.11 -13.94 17.97
C GLU B 54 7.21 -13.71 16.94
N LEU B 55 8.09 -12.74 17.16
CA LEU B 55 9.04 -12.36 16.11
C LEU B 55 9.92 -13.53 15.74
N VAL B 56 10.36 -14.27 16.75
CA VAL B 56 11.22 -15.43 16.53
C VAL B 56 10.54 -16.42 15.59
N HIS B 57 9.27 -16.70 15.85
CA HIS B 57 8.52 -17.65 15.03
C HIS B 57 8.25 -17.12 13.64
N MET B 58 8.08 -15.80 13.51
CA MET B 58 8.03 -15.15 12.21
C MET B 58 9.31 -15.40 11.40
N ILE B 59 10.48 -15.30 12.06
CA ILE B 59 11.73 -15.54 11.35
C ILE B 59 11.80 -16.99 10.85
N ASN B 60 11.36 -17.95 11.69
CA ASN B 60 11.34 -19.35 11.28
C ASN B 60 10.37 -19.58 10.15
N TRP B 61 9.23 -18.90 10.19
CA TRP B 61 8.27 -18.96 9.09
C TRP B 61 8.90 -18.43 7.80
N ALA B 62 9.52 -17.26 7.88
CA ALA B 62 10.10 -16.63 6.70
C ALA B 62 11.08 -17.57 6.02
N LYS B 63 11.91 -18.27 6.81
CA LYS B 63 12.90 -19.16 6.22
C LYS B 63 12.30 -20.30 5.41
N ARG B 64 11.00 -20.58 5.59
CA ARG B 64 10.33 -21.63 4.84
C ARG B 64 9.47 -21.11 3.68
N VAL B 65 9.44 -19.80 3.47
CA VAL B 65 8.78 -19.25 2.29
C VAL B 65 9.65 -19.61 1.09
N PRO B 66 9.16 -20.40 0.12
CA PRO B 66 10.01 -20.81 -0.99
C PRO B 66 10.73 -19.63 -1.60
N GLY B 67 12.04 -19.77 -1.80
CA GLY B 67 12.86 -18.74 -2.39
C GLY B 67 13.47 -17.74 -1.42
N PHE B 68 12.96 -17.65 -0.18
CA PHE B 68 13.49 -16.63 0.73
C PHE B 68 14.96 -16.89 1.06
N VAL B 69 15.32 -18.13 1.39
CA VAL B 69 16.69 -18.39 1.82
C VAL B 69 17.69 -18.38 0.68
N ASP B 70 17.24 -18.22 -0.57
CA ASP B 70 18.17 -18.01 -1.67
C ASP B 70 18.78 -16.62 -1.67
N LEU B 71 18.17 -15.66 -0.97
CA LEU B 71 18.70 -14.30 -0.85
C LEU B 71 19.91 -14.28 0.09
N THR B 72 20.76 -13.26 -0.07
CA THR B 72 21.82 -13.06 0.90
C THR B 72 21.21 -12.83 2.28
N LEU B 73 22.01 -13.09 3.32
CA LEU B 73 21.51 -12.83 4.66
C LEU B 73 21.19 -11.36 4.86
N HIS B 74 22.05 -10.47 4.34
CA HIS B 74 21.78 -9.03 4.40
C HIS B 74 20.41 -8.69 3.84
N ASP B 75 20.07 -9.24 2.67
CA ASP B 75 18.79 -8.93 2.07
C ASP B 75 17.64 -9.57 2.83
N GLN B 76 17.82 -10.81 3.31
CA GLN B 76 16.79 -11.41 4.17
C GLN B 76 16.48 -10.51 5.36
N VAL B 77 17.53 -9.98 6.01
CA VAL B 77 17.30 -9.12 7.17
C VAL B 77 16.57 -7.85 6.75
N HIS B 78 17.00 -7.23 5.65
CA HIS B 78 16.34 -6.00 5.22
C HIS B 78 14.85 -6.23 4.95
N LEU B 79 14.50 -7.36 4.33
CA LEU B 79 13.09 -7.66 4.06
C LEU B 79 12.30 -7.80 5.36
N LEU B 80 12.90 -8.45 6.35
CA LEU B 80 12.23 -8.63 7.63
C LEU B 80 12.11 -7.31 8.39
N GLU B 81 13.14 -6.46 8.30
CA GLU B 81 13.07 -5.14 8.92
C GLU B 81 11.89 -4.35 8.38
N SER B 82 11.60 -4.51 7.08
N SER B 82 11.59 -4.52 7.09
CA SER B 82 10.53 -3.75 6.44
CA SER B 82 10.54 -3.76 6.43
C SER B 82 9.16 -4.36 6.67
C SER B 82 9.16 -4.36 6.68
N ALA B 83 9.06 -5.67 6.84
CA ALA B 83 7.77 -6.36 6.83
C ALA B 83 7.30 -6.82 8.19
N TRP B 84 8.12 -6.75 9.25
CA TRP B 84 7.78 -7.50 10.45
C TRP B 84 6.49 -6.98 11.10
N LEU B 85 6.26 -5.66 11.10
CA LEU B 85 5.05 -5.19 11.76
C LEU B 85 3.80 -5.48 10.91
N GLU B 86 3.92 -5.36 9.59
CA GLU B 86 2.82 -5.75 8.70
C GLU B 86 2.45 -7.21 8.89
N ILE B 87 3.45 -8.10 9.04
CA ILE B 87 3.17 -9.53 9.21
C ILE B 87 2.50 -9.81 10.55
N LEU B 88 2.93 -9.12 11.61
CA LEU B 88 2.25 -9.26 12.89
C LEU B 88 0.78 -8.83 12.77
N MET B 89 0.50 -7.72 12.06
CA MET B 89 -0.90 -7.27 11.99
C MET B 89 -1.76 -8.16 11.11
N ILE B 90 -1.26 -8.63 9.96
CA ILE B 90 -2.14 -9.47 9.15
C ILE B 90 -2.44 -10.78 9.88
N GLY B 91 -1.52 -11.26 10.71
CA GLY B 91 -1.80 -12.45 11.50
C GLY B 91 -2.83 -12.18 12.60
N LEU B 92 -2.72 -11.03 13.25
CA LEU B 92 -3.75 -10.62 14.20
C LEU B 92 -5.12 -10.52 13.54
N VAL B 93 -5.15 -9.90 12.35
CA VAL B 93 -6.43 -9.72 11.67
C VAL B 93 -7.00 -11.07 11.27
N TRP B 94 -6.13 -12.00 10.86
CA TRP B 94 -6.61 -13.34 10.51
C TRP B 94 -7.19 -14.06 11.73
N ARG B 95 -6.47 -14.02 12.85
CA ARG B 95 -6.94 -14.66 14.09
C ARG B 95 -8.26 -14.08 14.57
N SER B 96 -8.53 -12.81 14.27
CA SER B 96 -9.66 -12.05 14.78
C SER B 96 -10.87 -12.08 13.86
N MET B 97 -10.74 -12.77 12.74
CA MET B 97 -11.71 -12.64 11.66
C MET B 97 -13.08 -13.14 12.11
N GLU B 98 -13.12 -14.22 12.88
CA GLU B 98 -14.38 -14.77 13.34
C GLU B 98 -14.77 -14.28 14.75
N HIS B 99 -14.25 -13.13 15.17
CA HIS B 99 -14.58 -12.52 16.46
C HIS B 99 -14.96 -11.06 16.22
N PRO B 100 -16.10 -10.82 15.55
CA PRO B 100 -16.49 -9.46 15.17
C PRO B 100 -16.31 -8.45 16.30
N GLY B 101 -15.81 -7.27 15.94
CA GLY B 101 -15.59 -6.18 16.89
C GLY B 101 -14.52 -6.41 17.92
N LYS B 102 -13.78 -7.51 17.81
CA LYS B 102 -12.73 -7.78 18.80
C LYS B 102 -11.42 -8.16 18.09
N LEU B 103 -10.34 -8.12 18.85
CA LEU B 103 -9.06 -8.54 18.30
C LEU B 103 -8.47 -9.64 19.18
N LEU B 104 -8.15 -10.79 18.57
CA LEU B 104 -7.62 -11.94 19.30
C LEU B 104 -6.09 -11.91 19.25
N PHE B 105 -5.50 -11.17 20.19
CA PHE B 105 -4.04 -11.09 20.24
C PHE B 105 -3.47 -12.46 20.58
N ALA B 106 -4.14 -13.16 21.48
CA ALA B 106 -3.77 -14.48 21.95
C ALA B 106 -5.06 -15.15 22.37
N PRO B 107 -5.09 -16.49 22.44
CA PRO B 107 -6.31 -17.14 22.97
C PRO B 107 -6.75 -16.63 24.34
N ASN B 108 -5.82 -16.20 25.19
CA ASN B 108 -6.16 -15.62 26.49
C ASN B 108 -6.03 -14.09 26.49
N LEU B 109 -6.08 -13.45 25.32
CA LEU B 109 -5.98 -12.01 25.29
C LEU B 109 -6.88 -11.50 24.16
N LEU B 110 -8.18 -11.55 24.41
CA LEU B 110 -9.18 -11.06 23.47
C LEU B 110 -9.63 -9.67 23.97
N LEU B 111 -9.41 -8.66 23.14
CA LEU B 111 -9.73 -7.27 23.55
C LEU B 111 -10.78 -6.63 22.64
N ASP B 112 -11.66 -5.80 23.20
CA ASP B 112 -12.63 -5.01 22.41
C ASP B 112 -12.11 -3.58 22.30
N ARG B 113 -12.72 -2.77 21.44
CA ARG B 113 -12.17 -1.41 21.22
C ARG B 113 -12.24 -0.58 22.50
N ASN B 114 -13.23 -0.81 23.34
CA ASN B 114 -13.39 -0.03 24.57
C ASN B 114 -12.18 -0.18 25.48
N GLN B 115 -11.47 -1.31 25.39
CA GLN B 115 -10.27 -1.49 26.19
C GLN B 115 -9.10 -0.72 25.62
N GLY B 116 -9.17 -0.32 24.36
CA GLY B 116 -8.08 0.39 23.71
C GLY B 116 -8.24 1.89 23.75
N LYS B 117 -9.12 2.38 24.64
CA LYS B 117 -9.38 3.80 24.77
C LYS B 117 -8.52 4.47 25.83
N SER B 118 -7.88 3.70 26.71
CA SER B 118 -7.12 4.30 27.80
C SER B 118 -5.86 4.98 27.31
N VAL B 119 -5.27 4.49 26.22
CA VAL B 119 -4.04 5.07 25.68
C VAL B 119 -4.40 5.96 24.50
N GLU B 120 -3.84 7.17 24.48
CA GLU B 120 -4.10 8.09 23.39
C GLU B 120 -3.63 7.49 22.08
N GLY B 121 -4.43 7.65 21.04
CA GLY B 121 -4.11 7.10 19.73
C GLY B 121 -4.12 5.58 19.60
N MET B 122 -4.48 4.84 20.65
CA MET B 122 -4.58 3.40 20.52
C MET B 122 -5.84 3.00 19.75
N VAL B 123 -6.96 3.68 19.98
CA VAL B 123 -8.20 3.21 19.36
C VAL B 123 -8.24 3.45 17.85
N GLU B 124 -7.50 4.44 17.34
CA GLU B 124 -7.49 4.67 15.90
C GLU B 124 -6.93 3.47 15.15
N ILE B 125 -5.86 2.89 15.69
CA ILE B 125 -5.31 1.70 15.08
C ILE B 125 -6.19 0.48 15.37
N PHE B 126 -6.78 0.41 16.54
CA PHE B 126 -7.65 -0.72 16.90
C PHE B 126 -8.76 -0.87 15.85
N ASP B 127 -9.30 0.28 15.49
CA ASP B 127 -10.36 0.41 14.51
C ASP B 127 -9.90 0.04 13.11
N MET B 128 -8.70 0.47 12.70
CA MET B 128 -8.16 0.05 11.40
C MET B 128 -8.01 -1.45 11.34
N LEU B 129 -7.54 -2.04 12.43
CA LEU B 129 -7.41 -3.49 12.51
C LEU B 129 -8.78 -4.15 12.42
N LEU B 130 -9.79 -3.62 13.13
CA LEU B 130 -11.12 -4.22 13.04
C LEU B 130 -11.68 -4.11 11.64
N ALA B 131 -11.41 -2.99 10.97
CA ALA B 131 -11.96 -2.79 9.62
C ALA B 131 -11.36 -3.79 8.65
N THR B 132 -10.09 -4.15 8.85
CA THR B 132 -9.44 -5.13 7.98
C THR B 132 -10.04 -6.52 8.22
N SER B 133 -10.30 -6.85 9.48
CA SER B 133 -10.93 -8.11 9.81
C SER B 133 -12.32 -8.20 9.18
N SER B 134 -13.08 -7.10 9.24
CA SER B 134 -14.38 -7.06 8.58
C SER B 134 -14.26 -7.22 7.07
N ARG B 135 -13.22 -6.63 6.46
CA ARG B 135 -13.02 -6.80 5.02
C ARG B 135 -12.71 -8.25 4.67
N PHE B 136 -11.84 -8.90 5.47
CA PHE B 136 -11.57 -10.32 5.28
C PHE B 136 -12.84 -11.16 5.41
N ARG B 137 -13.67 -10.81 6.39
CA ARG B 137 -14.96 -11.51 6.61
C ARG B 137 -15.86 -11.29 5.39
N MET B 138 -15.99 -10.06 4.94
CA MET B 138 -16.80 -9.76 3.77
C MET B 138 -16.33 -10.56 2.55
N MET B 139 -15.01 -10.67 2.34
CA MET B 139 -14.50 -11.44 1.21
C MET B 139 -14.38 -12.93 1.46
N ASN B 140 -14.66 -13.41 2.67
CA ASN B 140 -14.51 -14.83 3.02
C ASN B 140 -13.12 -15.31 2.61
N LEU B 141 -12.12 -14.60 3.14
CA LEU B 141 -10.73 -14.93 2.89
C LEU B 141 -10.43 -16.36 3.32
N GLN B 142 -9.83 -17.12 2.45
CA GLN B 142 -9.48 -18.52 2.76
C GLN B 142 -8.04 -18.63 3.32
N GLY B 143 -7.79 -19.60 4.18
CA GLY B 143 -6.44 -19.81 4.73
C GLY B 143 -5.35 -19.92 3.65
N GLU B 144 -5.63 -20.60 2.54
CA GLU B 144 -4.67 -20.74 1.43
C GLU B 144 -4.33 -19.35 0.86
N GLU B 145 -5.33 -18.46 0.76
CA GLU B 145 -5.12 -17.10 0.21
C GLU B 145 -4.34 -16.25 1.21
N PHE B 146 -4.59 -16.44 2.51
CA PHE B 146 -3.93 -15.68 3.56
C PHE B 146 -2.43 -15.98 3.61
N VAL B 147 -2.04 -17.26 3.58
CA VAL B 147 -0.60 -17.57 3.62
C VAL B 147 0.10 -17.01 2.39
N CYS B 148 -0.57 -16.94 1.23
CA CYS B 148 0.03 -16.30 0.07
C CYS B 148 0.19 -14.79 0.28
N LEU B 149 -0.86 -14.11 0.76
CA LEU B 149 -0.77 -12.67 1.03
C LEU B 149 0.36 -12.37 2.00
N LYS B 150 0.48 -13.17 3.07
CA LYS B 150 1.53 -12.94 4.04
C LYS B 150 2.91 -13.12 3.40
N SER B 151 3.06 -14.08 2.49
CA SER B 151 4.33 -14.25 1.78
C SER B 151 4.64 -13.05 0.88
N ILE B 152 3.63 -12.51 0.21
CA ILE B 152 3.83 -11.32 -0.62
C ILE B 152 4.28 -10.14 0.22
N ILE B 153 3.70 -9.96 1.42
CA ILE B 153 4.15 -8.88 2.29
C ILE B 153 5.63 -9.00 2.59
N LEU B 154 6.10 -10.21 2.90
CA LEU B 154 7.51 -10.44 3.21
C LEU B 154 8.41 -10.04 2.06
N LEU B 155 8.07 -10.49 0.85
CA LEU B 155 8.93 -10.29 -0.29
C LEU B 155 8.82 -8.89 -0.88
N ASN B 156 7.69 -8.22 -0.67
CA ASN B 156 7.46 -6.95 -1.36
C ASN B 156 7.78 -5.72 -0.54
N SER B 157 7.78 -5.82 0.79
CA SER B 157 7.71 -4.59 1.57
C SER B 157 9.02 -3.81 1.53
N GLY B 158 10.15 -4.51 1.44
CA GLY B 158 11.44 -3.85 1.43
C GLY B 158 12.11 -3.79 0.08
N VAL B 159 11.46 -4.26 -0.98
CA VAL B 159 12.13 -4.43 -2.28
C VAL B 159 12.51 -3.08 -2.87
N TYR B 160 11.73 -2.03 -2.62
CA TYR B 160 11.98 -0.72 -3.20
C TYR B 160 12.92 0.14 -2.35
N THR B 161 13.55 -0.44 -1.33
CA THR B 161 14.39 0.32 -0.39
C THR B 161 15.70 -0.43 -0.08
N PHE B 162 16.31 -1.07 -1.07
CA PHE B 162 17.57 -1.79 -0.83
C PHE B 162 18.78 -0.87 -0.90
N LYS B 173 17.03 -8.72 -6.56
CA LYS B 173 15.87 -8.00 -7.08
C LYS B 173 15.07 -8.85 -8.07
N ASP B 174 15.74 -9.32 -9.13
CA ASP B 174 15.06 -10.21 -10.06
C ASP B 174 14.53 -11.45 -9.35
N HIS B 175 15.31 -11.99 -8.43
CA HIS B 175 14.87 -13.20 -7.74
C HIS B 175 13.63 -12.94 -6.91
N ILE B 176 13.60 -11.80 -6.21
CA ILE B 176 12.43 -11.40 -5.45
C ILE B 176 11.20 -11.28 -6.36
N HIS B 177 11.36 -10.66 -7.52
CA HIS B 177 10.22 -10.53 -8.41
C HIS B 177 9.81 -11.87 -9.00
N ARG B 178 10.78 -12.78 -9.17
CA ARG B 178 10.46 -14.13 -9.63
C ARG B 178 9.59 -14.86 -8.62
N VAL B 179 9.95 -14.78 -7.34
CA VAL B 179 9.16 -15.42 -6.28
C VAL B 179 7.77 -14.81 -6.21
N LEU B 180 7.71 -13.48 -6.26
CA LEU B 180 6.42 -12.75 -6.19
C LEU B 180 5.53 -13.19 -7.36
N ASP B 181 6.11 -13.34 -8.54
CA ASP B 181 5.33 -13.79 -9.73
C ASP B 181 4.82 -15.21 -9.48
N LYS B 182 5.63 -16.04 -8.86
CA LYS B 182 5.23 -17.42 -8.50
C LYS B 182 4.03 -17.39 -7.53
N ILE B 183 4.06 -16.55 -6.49
CA ILE B 183 2.93 -16.48 -5.58
C ILE B 183 1.69 -15.98 -6.30
N THR B 184 1.86 -15.03 -7.23
CA THR B 184 0.71 -14.57 -8.01
C THR B 184 0.10 -15.73 -8.78
N ASP B 185 0.93 -16.54 -9.46
CA ASP B 185 0.43 -17.72 -10.17
C ASP B 185 -0.34 -18.63 -9.22
N THR B 186 0.18 -18.83 -8.01
CA THR B 186 -0.46 -19.74 -7.07
C THR B 186 -1.83 -19.22 -6.60
N LEU B 187 -1.91 -17.91 -6.35
CA LEU B 187 -3.18 -17.29 -5.97
C LEU B 187 -4.22 -17.47 -7.06
N ILE B 188 -3.84 -17.25 -8.32
CA ILE B 188 -4.74 -17.45 -9.45
C ILE B 188 -5.15 -18.90 -9.53
N HIS B 189 -4.20 -19.81 -9.35
CA HIS B 189 -4.50 -21.24 -9.41
C HIS B 189 -5.49 -21.63 -8.33
N LEU B 190 -5.33 -21.06 -7.12
CA LEU B 190 -6.27 -21.33 -6.04
C LEU B 190 -7.68 -20.91 -6.40
N MET B 191 -7.82 -19.79 -7.12
CA MET B 191 -9.13 -19.24 -7.43
C MET B 191 -9.78 -20.00 -8.58
N ALA B 192 -8.99 -20.36 -9.61
CA ALA B 192 -9.55 -21.18 -10.69
C ALA B 192 -9.95 -22.55 -10.16
N LYS B 193 -9.18 -23.08 -9.21
CA LYS B 193 -9.56 -24.35 -8.59
C LYS B 193 -10.87 -24.22 -7.82
N ALA B 194 -11.13 -23.06 -7.23
CA ALA B 194 -12.40 -22.86 -6.56
C ALA B 194 -13.56 -22.56 -7.50
N GLY B 195 -13.36 -22.62 -8.82
CA GLY B 195 -14.45 -22.42 -9.77
C GLY B 195 -14.71 -20.98 -10.19
N LEU B 196 -13.82 -20.04 -9.86
CA LEU B 196 -14.04 -18.66 -10.27
C LEU B 196 -13.80 -18.48 -11.76
N THR B 197 -14.64 -17.67 -12.41
CA THR B 197 -14.37 -17.28 -13.78
C THR B 197 -13.06 -16.50 -13.86
N LEU B 198 -12.52 -16.38 -15.08
CA LEU B 198 -11.29 -15.60 -15.27
C LEU B 198 -11.47 -14.18 -14.77
N GLN B 199 -12.64 -13.58 -15.06
CA GLN B 199 -12.92 -12.23 -14.60
C GLN B 199 -12.93 -12.15 -13.07
N GLN B 200 -13.60 -13.11 -12.43
CA GLN B 200 -13.65 -13.13 -10.96
C GLN B 200 -12.28 -13.40 -10.37
N GLN B 201 -11.45 -14.18 -11.07
CA GLN B 201 -10.08 -14.43 -10.62
C GLN B 201 -9.27 -13.14 -10.56
N HIS B 202 -9.34 -12.31 -11.61
CA HIS B 202 -8.49 -11.14 -11.56
C HIS B 202 -9.09 -10.03 -10.72
N GLN B 203 -10.41 -10.02 -10.53
CA GLN B 203 -11.01 -9.05 -9.60
C GLN B 203 -10.68 -9.41 -8.15
N ARG B 204 -10.70 -10.71 -7.80
CA ARG B 204 -10.36 -11.12 -6.45
C ARG B 204 -8.88 -10.91 -6.14
N LEU B 205 -7.99 -11.28 -7.08
CA LEU B 205 -6.57 -10.98 -6.93
C LEU B 205 -6.37 -9.50 -6.62
N ALA B 206 -6.96 -8.64 -7.44
CA ALA B 206 -6.83 -7.21 -7.22
C ALA B 206 -7.32 -6.82 -5.84
N GLN B 207 -8.48 -7.36 -5.44
CA GLN B 207 -9.05 -6.97 -4.16
C GLN B 207 -8.12 -7.38 -3.01
N LEU B 208 -7.50 -8.55 -3.11
CA LEU B 208 -6.61 -9.00 -2.05
C LEU B 208 -5.36 -8.12 -1.98
N LEU B 209 -4.79 -7.77 -3.14
CA LEU B 209 -3.59 -6.95 -3.18
C LEU B 209 -3.88 -5.52 -2.72
N LEU B 210 -5.07 -4.99 -2.98
CA LEU B 210 -5.39 -3.64 -2.51
C LEU B 210 -5.49 -3.58 -0.99
N ILE B 211 -5.85 -4.70 -0.35
CA ILE B 211 -5.81 -4.76 1.11
C ILE B 211 -4.38 -4.56 1.61
N LEU B 212 -3.38 -4.99 0.84
CA LEU B 212 -2.00 -4.86 1.31
C LEU B 212 -1.59 -3.39 1.44
N SER B 213 -2.19 -2.49 0.65
N SER B 213 -2.19 -2.50 0.65
CA SER B 213 -1.90 -1.07 0.84
CA SER B 213 -1.93 -1.07 0.82
C SER B 213 -2.46 -0.56 2.17
C SER B 213 -2.46 -0.55 2.15
N HIS B 214 -3.63 -1.03 2.58
CA HIS B 214 -4.15 -0.64 3.88
C HIS B 214 -3.30 -1.23 5.00
N ILE B 215 -2.81 -2.46 4.84
CA ILE B 215 -1.93 -3.05 5.86
C ILE B 215 -0.61 -2.26 5.97
N ARG B 216 -0.03 -1.84 4.84
CA ARG B 216 1.10 -0.91 4.89
C ARG B 216 0.75 0.35 5.66
N HIS B 217 -0.39 0.96 5.33
CA HIS B 217 -0.86 2.17 6.02
C HIS B 217 -0.94 1.94 7.53
N MET B 218 -1.61 0.86 7.94
CA MET B 218 -1.72 0.47 9.35
C MET B 218 -0.34 0.34 10.00
N SER B 219 0.56 -0.40 9.35
CA SER B 219 1.92 -0.54 9.86
CA SER B 219 1.91 -0.54 9.87
C SER B 219 2.58 0.81 10.06
N ASN B 220 2.42 1.72 9.10
CA ASN B 220 3.01 3.05 9.27
C ASN B 220 2.40 3.78 10.46
N LYS B 221 1.06 3.80 10.55
CA LYS B 221 0.42 4.46 11.69
C LYS B 221 0.74 3.74 12.98
N GLY B 222 0.84 2.41 12.93
CA GLY B 222 1.27 1.65 14.09
C GLY B 222 2.65 2.01 14.59
N MET B 223 3.64 2.09 13.68
CA MET B 223 4.96 2.56 14.08
C MET B 223 4.91 3.93 14.72
N GLU B 224 4.15 4.87 14.14
CA GLU B 224 4.09 6.20 14.72
C GLU B 224 3.58 6.12 16.16
N HIS B 225 2.56 5.28 16.38
CA HIS B 225 1.98 5.11 17.71
C HIS B 225 2.97 4.50 18.69
N LEU B 226 3.74 3.50 18.25
CA LEU B 226 4.72 2.84 19.11
C LEU B 226 5.83 3.81 19.54
N TYR B 227 6.46 4.48 18.57
CA TYR B 227 7.27 5.68 18.84
C TYR B 227 6.58 6.77 19.65
N SER B 228 5.25 6.88 19.61
CA SER B 228 4.66 7.90 20.46
C SER B 228 4.70 7.55 21.94
N MET B 229 4.98 6.29 22.28
CA MET B 229 5.09 5.87 23.68
C MET B 229 6.55 5.68 24.12
N VAL B 234 11.94 0.06 19.63
CA VAL B 234 10.76 -0.70 19.22
C VAL B 234 10.95 -1.37 17.84
N VAL B 235 11.90 -0.91 17.04
CA VAL B 235 12.26 -1.66 15.82
C VAL B 235 13.25 -2.77 16.20
N PRO B 236 13.12 -3.97 15.64
CA PRO B 236 14.12 -5.01 15.91
C PRO B 236 15.43 -4.63 15.23
N SER B 237 16.54 -4.76 15.95
CA SER B 237 17.81 -4.36 15.36
C SER B 237 18.24 -5.38 14.30
N TYR B 238 19.10 -4.91 13.40
CA TYR B 238 19.73 -5.79 12.40
C TYR B 238 20.35 -7.02 13.04
N ASP B 239 21.17 -6.83 14.09
CA ASP B 239 21.85 -7.95 14.74
C ASP B 239 20.86 -8.95 15.33
N LEU B 240 19.76 -8.45 15.91
CA LEU B 240 18.75 -9.32 16.49
C LEU B 240 18.11 -10.21 15.42
N LEU B 241 17.67 -9.61 14.32
CA LEU B 241 17.11 -10.39 13.23
C LEU B 241 18.12 -11.37 12.66
N LEU B 242 19.36 -10.91 12.45
CA LEU B 242 20.44 -11.77 11.96
C LEU B 242 20.62 -12.98 12.87
N GLU B 243 20.70 -12.75 14.20
CA GLU B 243 20.89 -13.86 15.12
C GLU B 243 19.75 -14.88 15.03
N MET B 244 18.49 -14.40 15.01
CA MET B 244 17.37 -15.34 14.90
C MET B 244 17.37 -16.10 13.59
N LEU B 245 17.92 -15.52 12.52
CA LEU B 245 18.07 -16.28 11.28
C LEU B 245 19.00 -17.47 11.44
N ASP B 246 19.94 -17.42 12.41
CA ASP B 246 20.78 -18.56 12.76
C ASP B 246 21.56 -19.06 11.54
N ALA B 247 22.46 -18.18 11.08
CA ALA B 247 23.23 -18.45 9.86
C ALA B 247 24.05 -19.73 9.97
N HIS B 248 24.25 -20.37 8.82
CA HIS B 248 25.04 -21.59 8.70
C HIS B 248 25.77 -21.64 7.38
N1 TVL C . 6.55 17.56 -2.16
C4 TVL C . 4.50 16.74 -5.80
C5 TVL C . 5.10 17.01 -4.55
C6 TVL C . 5.10 18.27 -4.03
C7 TVL C . 5.74 15.83 -3.83
C8 TVL C . 6.03 16.23 -2.36
C10 TVL C . 7.79 17.93 -1.49
C13 TVL C . 10.44 15.34 -1.95
C15 TVL C . 10.38 15.87 0.39
C17 TVL C . 6.64 15.09 -1.58
C20 TVL C . 4.79 20.23 -0.95
C21 TVL C . 3.80 20.70 -0.11
C22 TVL C . 2.61 19.99 0.01
C24 TVL C . 3.44 18.40 -1.58
C26 TVL C . 0.00 22.01 1.61
C28 TVL C . -2.94 22.48 1.96
C1 TVL C . 4.49 19.31 -4.76
C11 TVL C . 8.88 16.94 -1.05
C12 TVL C . 9.41 16.24 -2.12
C14 TVL C . 10.91 15.14 -0.68
C16 TVL C . 9.38 16.81 0.21
C18 TVL C . 5.19 15.46 -1.39
C19 TVL C . 4.63 19.09 -1.70
C2 TVL C . 3.90 19.05 -5.97
C23 TVL C . 2.46 18.84 -0.73
C25 TVL C . 1.37 21.75 0.94
C27 TVL C . -1.84 23.13 1.67
C29 TVL C . -2.98 21.37 1.04
C3 TVL C . 3.91 17.78 -6.50
C30 TVL C . -1.47 21.16 0.67
C31 TVL C . -1.46 20.77 -0.85
C9 TVL C . 5.69 18.60 -2.66
N2 TVL C . -0.84 22.21 0.89
O1 TVL C . 8.00 19.02 -1.45
O2 TVL C . 3.34 17.52 -7.70
O3 TVL C . 1.58 20.38 0.85
N1 TVL D . 0.09 -4.19 18.75
C4 TVL D . -0.10 -8.03 17.02
C5 TVL D . 0.07 -6.74 17.55
C6 TVL D . 0.77 -6.55 18.69
C7 TVL D . -0.58 -5.62 16.75
C8 TVL D . -0.08 -4.26 17.28
C10 TVL D . -0.47 -3.23 19.64
C13 TVL D . -3.83 -2.16 18.48
C15 TVL D . -2.61 -0.14 18.93
C17 TVL D . -0.63 -3.09 16.48
C20 TVL D . 3.08 -4.23 20.27
C21 TVL D . 4.42 -3.91 20.21
C22 TVL D . 5.15 -4.16 19.07
C24 TVL D . 3.15 -5.06 18.06
C26 TVL D . 8.39 -4.81 20.22
C28 TVL D . 11.45 -4.86 19.11
C1 TVL D . 1.32 -7.69 19.35
C11 TVL D . -1.55 -2.23 19.22
C12 TVL D . -2.69 -2.87 18.83
C14 TVL D . -3.77 -0.79 18.53
C16 TVL D . -1.50 -0.86 19.31
C18 TVL D . 0.82 -3.52 16.31
C19 TVL D . 2.45 -4.80 19.20
C2 TVL D . 1.14 -8.93 18.83
C23 TVL D . 4.49 -4.71 17.99
C25 TVL D . 7.28 -3.72 20.15
C27 TVL D . 10.63 -4.55 20.09
C29 TVL D . 10.73 -5.78 18.24
C3 TVL D . 0.44 -9.12 17.65
C30 TVL D . 9.25 -5.35 18.42
C31 TVL D . 8.32 -6.61 18.29
C9 TVL D . 0.99 -5.18 19.30
N2 TVL D . 9.20 -4.64 19.46
O1 TVL D . -0.20 -3.31 20.75
O2 TVL D . 0.26 -10.35 17.05
O3 TVL D . 6.50 -3.83 19.00
#